data_5UB5
#
_entry.id   5UB5
#
_cell.length_a   70.951
_cell.length_b   74.072
_cell.length_c   83.583
_cell.angle_alpha   90.000
_cell.angle_beta   90.000
_cell.angle_gamma   90.000
#
_symmetry.space_group_name_H-M   'P 21 21 21'
#
loop_
_entity.id
_entity.type
_entity.pdbx_description
1 polymer 'Protein O-glucosyltransferase 1'
2 polymer 'Neurogenic locus notch homolog protein 1'
3 non-polymer 2-acetamido-2-deoxy-beta-D-glucopyranose
4 non-polymer "URIDINE-5'-DIPHOSPHATE"
5 non-polymer 'CALCIUM ION'
6 water water
#
loop_
_entity_poly.entity_id
_entity_poly.type
_entity_poly.pdbx_seq_one_letter_code
_entity_poly.pdbx_strand_id
1 'polypeptide(L)'
;GSKWKVFIDQINRSLENYEPCSSQNCSCYHGVIEEDLTPFRGGISRKMMAEVVRRKLGTHYQITKNRLYRENDCMFPSRC
SGVEHFILEVIGRLPDMEMVINVRDYPQVPKWMEPAIPVFSFSKTSEYHDIMYPAWTFWEGGPAVWPIYPTGLGRWDLFR
EDLVRSAAQWPWKKKNSTAYFRGSRTSPERDPLILLSRKNPKLVDAEYTKNQAWKSMKDTLGKPAAKDVHLVDHCKYKYL
FNFRGVAASFRFKHLFLCGSLVFHVGDEWLEFFYPQLKPWVHYIPVKTDLSNVQELLQFVKANDDVAQEIAERGSQFIRN
HLQMDDITCYWENLLSEYSKFLSYNVTRRKGYDQIIP
;
A
2 'polypeptide(L)' GSDVNECVTNPCQNDATCLDQIGEFQCICMPGYEGVHCEVNT B
#
# COMPACT_ATOMS: atom_id res chain seq x y z
C SER A 2 -6.53 -28.06 -23.43
N LYS A 3 -6.80 -28.50 -22.20
CA LYS A 3 -7.90 -27.92 -21.45
C LYS A 3 -7.57 -26.53 -20.89
N TRP A 4 -6.31 -26.14 -20.92
CA TRP A 4 -5.88 -24.87 -20.36
C TRP A 4 -5.73 -23.78 -21.42
N LYS A 5 -6.17 -24.04 -22.65
CA LYS A 5 -5.91 -23.10 -23.75
C LYS A 5 -6.31 -21.67 -23.42
N VAL A 6 -7.44 -21.47 -22.75
CA VAL A 6 -7.87 -20.10 -22.55
C VAL A 6 -6.81 -19.33 -21.75
N PHE A 7 -6.39 -19.87 -20.60
CA PHE A 7 -5.36 -19.22 -19.78
C PHE A 7 -4.00 -19.17 -20.46
N ILE A 8 -3.61 -20.24 -21.14
CA ILE A 8 -2.30 -20.26 -21.79
C ILE A 8 -2.23 -19.16 -22.85
N ASP A 9 -3.29 -19.05 -23.64
CA ASP A 9 -3.33 -18.01 -24.67
C ASP A 9 -3.34 -16.62 -24.05
N GLN A 10 -4.06 -16.46 -22.93
CA GLN A 10 -4.09 -15.17 -22.24
C GLN A 10 -2.69 -14.76 -21.78
N ILE A 11 -1.94 -15.71 -21.23
CA ILE A 11 -0.57 -15.43 -20.82
C ILE A 11 0.31 -15.05 -22.00
N ASN A 12 0.27 -15.82 -23.10
CA ASN A 12 1.05 -15.47 -24.30
C ASN A 12 0.69 -14.07 -24.80
N ARG A 13 -0.60 -13.80 -24.87
CA ARG A 13 -1.08 -12.47 -25.28
CA ARG A 13 -1.09 -12.48 -25.29
C ARG A 13 -0.59 -11.38 -24.36
N SER A 14 -0.73 -11.57 -23.04
CA SER A 14 -0.28 -10.54 -22.11
C SER A 14 1.23 -10.30 -22.19
N LEU A 15 2.01 -11.36 -22.39
CA LEU A 15 3.45 -11.18 -22.51
C LEU A 15 3.82 -10.54 -23.83
N GLU A 16 3.07 -10.82 -24.89
CA GLU A 16 3.37 -10.18 -26.17
C GLU A 16 3.07 -8.69 -26.09
N ASN A 17 2.07 -8.32 -25.30
CA ASN A 17 1.68 -6.95 -25.03
C ASN A 17 2.63 -6.25 -24.05
N TYR A 18 3.43 -6.99 -23.30
CA TYR A 18 4.18 -6.43 -22.18
C TYR A 18 5.31 -5.56 -22.70
N GLU A 19 5.42 -4.34 -22.17
CA GLU A 19 6.54 -3.45 -22.48
C GLU A 19 7.46 -3.42 -21.28
N PRO A 20 8.54 -4.17 -21.29
CA PRO A 20 9.42 -4.23 -20.13
C PRO A 20 10.01 -2.88 -19.79
N CYS A 21 10.27 -2.69 -18.50
N CYS A 21 10.23 -2.64 -18.50
CA CYS A 21 10.96 -1.51 -18.00
CA CYS A 21 10.95 -1.44 -18.11
C CYS A 21 12.46 -1.76 -17.95
C CYS A 21 12.43 -1.76 -17.99
N SER A 22 13.23 -0.98 -18.70
CA SER A 22 14.68 -1.11 -18.69
C SER A 22 15.38 0.02 -17.90
N SER A 23 14.63 0.94 -17.30
CA SER A 23 15.20 2.09 -16.57
C SER A 23 15.86 1.66 -15.27
N GLN A 24 16.93 2.35 -14.92
CA GLN A 24 17.57 2.27 -13.62
C GLN A 24 17.01 3.24 -12.62
N ASN A 25 16.06 4.08 -13.03
CA ASN A 25 15.44 5.00 -12.10
C ASN A 25 13.91 4.83 -12.14
N CYS A 26 13.20 5.73 -11.49
CA CYS A 26 11.76 5.57 -11.34
C CYS A 26 10.95 6.05 -12.56
N SER A 27 11.61 6.30 -13.69
CA SER A 27 10.91 6.74 -14.87
C SER A 27 9.86 5.75 -15.34
N CYS A 28 9.93 4.49 -14.94
N CYS A 28 9.94 4.49 -14.91
CA CYS A 28 8.90 3.58 -15.41
CA CYS A 28 8.93 3.53 -15.33
C CYS A 28 7.59 3.71 -14.65
C CYS A 28 7.56 3.82 -14.75
N TYR A 29 7.49 4.63 -13.69
CA TYR A 29 6.21 5.01 -13.11
C TYR A 29 5.72 6.37 -13.59
N HIS A 30 6.38 6.98 -14.59
N HIS A 30 6.36 6.98 -14.59
CA HIS A 30 6.07 8.36 -14.95
CA HIS A 30 6.06 8.37 -14.89
C HIS A 30 4.64 8.49 -15.45
C HIS A 30 4.67 8.52 -15.52
N GLY A 31 4.15 7.47 -16.13
CA GLY A 31 2.79 7.51 -16.62
C GLY A 31 1.77 7.64 -15.50
N VAL A 32 2.11 7.17 -14.30
CA VAL A 32 1.18 7.31 -13.18
C VAL A 32 1.11 8.78 -12.77
N ILE A 33 2.27 9.42 -12.65
CA ILE A 33 2.31 10.85 -12.36
C ILE A 33 1.51 11.62 -13.42
N GLU A 34 1.77 11.35 -14.70
CA GLU A 34 1.09 12.08 -15.77
C GLU A 34 -0.41 11.89 -15.68
N GLU A 35 -0.84 10.65 -15.47
CA GLU A 35 -2.27 10.40 -15.32
C GLU A 35 -2.82 11.12 -14.09
N ASP A 36 -2.11 11.03 -12.95
CA ASP A 36 -2.68 11.61 -11.74
C ASP A 36 -2.75 13.14 -11.77
N LEU A 37 -1.87 13.78 -12.53
CA LEU A 37 -1.86 15.24 -12.62
C LEU A 37 -2.70 15.79 -13.77
N THR A 38 -3.22 14.92 -14.62
CA THR A 38 -3.98 15.39 -15.79
C THR A 38 -5.16 16.27 -15.43
N PRO A 39 -5.92 16.01 -14.35
CA PRO A 39 -7.09 16.85 -14.04
C PRO A 39 -6.73 18.26 -13.65
N PHE A 40 -5.46 18.53 -13.40
CA PHE A 40 -4.98 19.81 -12.92
C PHE A 40 -4.21 20.56 -13.98
N ARG A 41 -4.33 20.12 -15.24
CA ARG A 41 -3.57 20.70 -16.33
C ARG A 41 -3.95 22.17 -16.56
N GLY A 42 -5.18 22.56 -16.22
CA GLY A 42 -5.57 23.97 -16.25
C GLY A 42 -4.99 24.84 -15.14
N GLY A 43 -4.28 24.26 -14.18
CA GLY A 43 -3.66 25.05 -13.14
C GLY A 43 -4.40 24.95 -11.82
N ILE A 44 -3.63 25.03 -10.73
CA ILE A 44 -4.16 25.03 -9.37
C ILE A 44 -4.06 26.44 -8.81
N SER A 45 -5.21 27.04 -8.52
CA SER A 45 -5.26 28.41 -8.01
C SER A 45 -5.10 28.45 -6.49
N ARG A 46 -4.76 29.65 -5.99
CA ARG A 46 -4.67 29.89 -4.56
C ARG A 46 -6.00 29.60 -3.87
N LYS A 47 -7.11 30.01 -4.47
CA LYS A 47 -8.42 29.75 -3.91
C LYS A 47 -8.70 28.25 -3.84
N MET A 48 -8.29 27.52 -4.86
CA MET A 48 -8.52 26.08 -4.84
C MET A 48 -7.76 25.46 -3.67
N MET A 49 -6.50 25.85 -3.49
CA MET A 49 -5.72 25.34 -2.38
C MET A 49 -6.35 25.73 -1.04
N ALA A 50 -6.82 26.97 -0.92
CA ALA A 50 -7.42 27.37 0.34
C ALA A 50 -8.64 26.52 0.69
N GLU A 51 -9.43 26.16 -0.33
CA GLU A 51 -10.61 25.31 -0.08
C GLU A 51 -10.22 23.91 0.37
N VAL A 52 -9.25 23.29 -0.31
CA VAL A 52 -8.81 21.96 0.09
C VAL A 52 -8.38 21.96 1.56
N VAL A 53 -7.62 22.96 1.96
CA VAL A 53 -7.13 23.06 3.33
C VAL A 53 -8.29 23.25 4.29
N ARG A 54 -9.21 24.17 3.98
CA ARG A 54 -10.36 24.43 4.84
C ARG A 54 -11.19 23.17 5.05
N ARG A 55 -11.38 22.39 4.00
CA ARG A 55 -12.12 21.13 4.06
C ARG A 55 -11.39 20.03 4.82
N LYS A 56 -10.15 20.27 5.26
CA LYS A 56 -9.41 19.29 6.05
C LYS A 56 -9.41 17.91 5.37
N LEU A 57 -9.06 17.86 4.09
CA LEU A 57 -8.98 16.60 3.38
C LEU A 57 -7.63 15.90 3.60
N GLY A 58 -6.68 16.59 4.20
CA GLY A 58 -5.38 16.03 4.47
C GLY A 58 -4.59 17.00 5.31
N THR A 59 -3.31 16.69 5.44
CA THR A 59 -2.38 17.51 6.20
C THR A 59 -1.68 18.49 5.26
N HIS A 60 -1.74 19.78 5.62
CA HIS A 60 -1.25 20.85 4.77
C HIS A 60 0.25 21.01 4.97
N TYR A 61 1.02 20.78 3.91
CA TYR A 61 2.45 21.03 3.91
C TYR A 61 2.78 22.21 3.01
N GLN A 62 3.88 22.89 3.31
CA GLN A 62 4.40 23.95 2.45
C GLN A 62 5.90 23.78 2.33
N ILE A 63 6.41 24.10 1.15
CA ILE A 63 7.84 24.12 0.89
C ILE A 63 8.20 25.50 0.34
N THR A 64 9.12 26.20 1.02
CA THR A 64 9.71 27.43 0.49
C THR A 64 11.21 27.39 0.83
N LYS A 65 12.05 27.73 -0.15
CA LYS A 65 13.51 27.72 0.05
C LYS A 65 14.02 26.41 0.63
N ASN A 66 13.51 25.31 0.09
CA ASN A 66 14.01 23.98 0.44
C ASN A 66 13.84 23.71 1.94
N ARG A 67 12.79 24.27 2.51
CA ARG A 67 12.41 24.06 3.90
C ARG A 67 10.97 23.58 3.92
N LEU A 68 10.68 22.66 4.83
CA LEU A 68 9.38 22.02 4.91
C LEU A 68 8.61 22.55 6.10
N TYR A 69 7.37 22.97 5.88
CA TYR A 69 6.51 23.48 6.95
C TYR A 69 5.22 22.69 6.92
N ARG A 70 4.55 22.63 8.06
CA ARG A 70 3.35 21.83 8.20
C ARG A 70 2.45 22.43 9.26
N GLU A 71 1.15 22.28 9.05
CA GLU A 71 0.21 22.59 10.11
C GLU A 71 0.48 21.73 11.33
N ASN A 72 -0.03 22.17 12.48
CA ASN A 72 0.24 21.47 13.73
CA ASN A 72 0.22 21.48 13.74
C ASN A 72 -0.41 20.09 13.74
N ASP A 73 -1.68 19.99 13.31
CA ASP A 73 -2.44 18.76 13.54
C ASP A 73 -2.12 17.67 12.53
N CYS A 74 -1.79 16.48 13.05
CA CYS A 74 -1.76 15.28 12.22
C CYS A 74 -2.40 14.15 13.03
N MET A 75 -3.48 13.58 12.53
CA MET A 75 -4.20 12.53 13.24
C MET A 75 -3.34 11.29 13.43
N PHE A 76 -2.41 11.03 12.49
CA PHE A 76 -1.55 9.86 12.55
C PHE A 76 -0.11 10.35 12.47
N PRO A 77 0.44 10.82 13.59
CA PRO A 77 1.82 11.33 13.62
C PRO A 77 2.84 10.41 12.97
N SER A 78 2.69 9.09 13.14
CA SER A 78 3.69 8.19 12.57
C SER A 78 3.61 8.14 11.05
N ARG A 79 2.43 8.38 10.48
CA ARG A 79 2.32 8.41 9.01
C ARG A 79 2.89 9.70 8.46
N CYS A 80 2.63 10.82 9.13
CA CYS A 80 3.26 12.07 8.72
C CYS A 80 4.78 11.95 8.81
N SER A 81 5.28 11.25 9.83
CA SER A 81 6.74 11.08 9.93
C SER A 81 7.28 10.27 8.78
N GLY A 82 6.56 9.21 8.39
CA GLY A 82 7.02 8.45 7.24
C GLY A 82 7.05 9.25 5.95
N VAL A 83 5.99 10.03 5.69
CA VAL A 83 5.98 10.92 4.52
C VAL A 83 7.13 11.93 4.61
N GLU A 84 7.26 12.58 5.78
CA GLU A 84 8.31 13.59 5.99
C GLU A 84 9.71 13.03 5.76
N HIS A 85 9.92 11.77 6.12
CA HIS A 85 11.21 11.13 5.89
C HIS A 85 11.64 11.29 4.44
N PHE A 86 10.72 10.98 3.50
CA PHE A 86 11.07 11.02 2.08
C PHE A 86 11.13 12.44 1.53
N ILE A 87 10.19 13.30 1.92
CA ILE A 87 10.23 14.67 1.43
C ILE A 87 11.54 15.35 1.83
N LEU A 88 11.97 15.12 3.07
CA LEU A 88 13.19 15.75 3.59
C LEU A 88 14.43 15.22 2.88
N GLU A 89 14.37 14.00 2.37
CA GLU A 89 15.48 13.43 1.63
C GLU A 89 15.72 14.21 0.34
N VAL A 90 14.65 14.71 -0.29
CA VAL A 90 14.72 15.28 -1.62
C VAL A 90 14.46 16.78 -1.62
N ILE A 91 14.20 17.39 -0.47
CA ILE A 91 13.74 18.77 -0.45
C ILE A 91 14.78 19.75 -1.01
N GLY A 92 16.06 19.41 -0.92
CA GLY A 92 17.10 20.26 -1.49
C GLY A 92 17.00 20.47 -2.99
N ARG A 93 16.21 19.64 -3.68
CA ARG A 93 16.02 19.77 -5.12
C ARG A 93 14.58 20.11 -5.49
N LEU A 94 13.74 20.41 -4.54
CA LEU A 94 12.36 20.70 -4.84
C LEU A 94 12.12 22.20 -4.90
N PRO A 95 11.36 22.69 -5.88
CA PRO A 95 10.95 24.10 -5.89
C PRO A 95 9.89 24.39 -4.84
N ASP A 96 9.60 25.68 -4.66
CA ASP A 96 8.55 26.14 -3.74
C ASP A 96 7.19 25.60 -4.17
N MET A 97 6.40 25.17 -3.19
CA MET A 97 5.08 24.60 -3.46
C MET A 97 4.33 24.46 -2.15
N GLU A 98 3.08 24.02 -2.26
CA GLU A 98 2.34 23.53 -1.11
C GLU A 98 1.37 22.46 -1.60
N MET A 99 0.95 21.61 -0.66
CA MET A 99 0.13 20.45 -0.98
C MET A 99 -0.56 19.97 0.28
N VAL A 100 -1.63 19.23 0.06
CA VAL A 100 -2.40 18.57 1.12
C VAL A 100 -2.20 17.08 0.96
N ILE A 101 -1.62 16.44 1.99
CA ILE A 101 -1.26 15.03 1.94
C ILE A 101 -2.16 14.30 2.92
N ASN A 102 -3.10 13.54 2.37
CA ASN A 102 -4.01 12.74 3.17
C ASN A 102 -3.27 11.48 3.62
N VAL A 103 -3.24 11.27 4.94
CA VAL A 103 -2.62 10.09 5.51
C VAL A 103 -3.66 9.15 6.12
N ARG A 104 -4.94 9.42 5.90
CA ARG A 104 -5.93 8.39 6.18
C ARG A 104 -5.89 7.31 5.10
N ASP A 105 -6.48 6.16 5.42
CA ASP A 105 -6.44 5.04 4.48
C ASP A 105 -7.19 5.33 3.19
N TYR A 106 -8.29 6.05 3.26
CA TYR A 106 -9.24 6.09 2.19
C TYR A 106 -9.07 7.38 1.38
N PRO A 107 -9.23 7.37 0.05
CA PRO A 107 -9.07 8.61 -0.73
C PRO A 107 -10.22 9.58 -0.50
N GLN A 108 -10.00 10.82 -0.94
CA GLN A 108 -10.80 11.97 -0.53
C GLN A 108 -11.47 12.71 -1.68
N VAL A 109 -11.08 12.47 -2.93
CA VAL A 109 -11.61 13.31 -3.99
C VAL A 109 -12.28 12.44 -5.04
N PRO A 110 -13.53 12.05 -4.83
CA PRO A 110 -14.30 11.33 -5.86
C PRO A 110 -14.37 12.12 -7.15
N LYS A 111 -14.39 11.38 -8.26
CA LYS A 111 -14.38 11.97 -9.58
C LYS A 111 -15.65 12.77 -9.88
N TRP A 112 -16.77 12.52 -9.19
CA TRP A 112 -17.98 13.24 -9.55
C TRP A 112 -17.95 14.68 -9.02
N MET A 113 -17.05 14.96 -8.07
CA MET A 113 -16.79 16.33 -7.61
C MET A 113 -16.26 17.20 -8.74
N GLU A 114 -16.91 18.33 -8.96
CA GLU A 114 -16.45 19.27 -9.97
C GLU A 114 -16.34 20.65 -9.30
N PRO A 115 -15.23 21.37 -9.49
CA PRO A 115 -13.99 21.00 -10.19
C PRO A 115 -13.14 20.00 -9.39
N ALA A 116 -12.19 19.38 -10.05
CA ALA A 116 -11.21 18.55 -9.35
C ALA A 116 -10.36 19.41 -8.43
N ILE A 117 -10.07 18.89 -7.24
CA ILE A 117 -9.18 19.58 -6.32
C ILE A 117 -8.04 18.65 -5.98
N PRO A 118 -6.84 19.15 -5.71
CA PRO A 118 -5.67 18.26 -5.60
C PRO A 118 -5.46 17.77 -4.17
N VAL A 119 -5.57 16.46 -3.96
CA VAL A 119 -5.26 15.86 -2.67
C VAL A 119 -4.36 14.66 -2.94
N PHE A 120 -3.28 14.56 -2.19
CA PHE A 120 -2.38 13.42 -2.26
C PHE A 120 -2.86 12.30 -1.32
N SER A 121 -3.10 11.10 -1.86
CA SER A 121 -3.48 9.94 -1.05
C SER A 121 -2.65 8.72 -1.46
N PHE A 122 -2.50 7.76 -0.55
CA PHE A 122 -1.65 6.63 -0.95
C PHE A 122 -2.38 5.64 -1.88
N SER A 123 -3.71 5.56 -1.84
CA SER A 123 -4.42 4.55 -2.61
C SER A 123 -5.71 5.13 -3.16
N LYS A 124 -6.04 4.74 -4.38
CA LYS A 124 -7.29 5.17 -5.00
C LYS A 124 -7.79 4.10 -5.95
N THR A 125 -8.96 4.34 -6.50
CA THR A 125 -9.38 3.68 -7.72
C THR A 125 -9.43 4.73 -8.82
N SER A 126 -9.70 4.28 -10.06
CA SER A 126 -9.88 5.22 -11.16
C SER A 126 -11.09 6.12 -10.97
N GLU A 127 -11.92 5.88 -9.96
CA GLU A 127 -13.07 6.73 -9.68
C GLU A 127 -12.72 7.91 -8.76
N TYR A 128 -11.44 8.16 -8.50
CA TYR A 128 -11.00 9.25 -7.63
C TYR A 128 -9.95 10.10 -8.33
N HIS A 129 -9.86 11.38 -7.97
CA HIS A 129 -8.83 12.26 -8.53
C HIS A 129 -7.64 12.46 -7.58
N ASP A 130 -7.59 11.74 -6.47
CA ASP A 130 -6.43 11.84 -5.60
C ASP A 130 -5.15 11.51 -6.36
N ILE A 131 -4.07 12.15 -5.95
CA ILE A 131 -2.76 11.97 -6.54
C ILE A 131 -2.04 10.93 -5.69
N MET A 132 -1.63 9.82 -6.29
CA MET A 132 -0.99 8.78 -5.48
C MET A 132 0.44 9.13 -5.15
N TYR A 133 0.83 8.81 -3.92
CA TYR A 133 2.20 8.96 -3.46
C TYR A 133 2.63 7.69 -2.75
N PRO A 134 3.93 7.43 -2.64
CA PRO A 134 4.39 6.23 -1.93
C PRO A 134 4.06 6.34 -0.45
N ALA A 135 3.37 5.31 0.04
CA ALA A 135 2.83 5.31 1.38
C ALA A 135 3.92 5.46 2.44
N TRP A 136 3.52 6.03 3.57
CA TRP A 136 4.39 6.23 4.71
C TRP A 136 5.15 4.94 5.07
N THR A 137 4.44 3.81 4.99
CA THR A 137 4.95 2.54 5.49
C THR A 137 6.25 2.12 4.84
N PHE A 138 6.60 2.66 3.67
CA PHE A 138 7.91 2.35 3.13
C PHE A 138 9.03 2.69 4.12
N TRP A 139 8.79 3.68 4.99
CA TRP A 139 9.70 3.98 6.09
C TRP A 139 9.13 3.59 7.46
N GLU A 140 7.92 4.02 7.80
CA GLU A 140 7.36 3.75 9.13
C GLU A 140 5.86 3.96 9.09
N GLY A 141 5.17 3.53 10.17
CA GLY A 141 3.79 3.95 10.37
C GLY A 141 2.75 3.00 9.82
N GLY A 142 3.15 1.88 9.23
CA GLY A 142 2.18 0.89 8.84
C GLY A 142 1.59 0.15 10.05
N PRO A 143 0.63 -0.73 9.76
CA PRO A 143 -0.11 -1.43 10.82
C PRO A 143 0.82 -2.07 11.83
N ALA A 144 0.54 -1.79 13.10
CA ALA A 144 1.22 -2.40 14.25
C ALA A 144 0.55 -3.72 14.61
N VAL A 145 1.05 -4.81 14.05
CA VAL A 145 0.47 -6.14 14.27
C VAL A 145 1.25 -6.79 15.41
N TRP A 146 0.62 -6.88 16.56
CA TRP A 146 1.26 -7.45 17.72
C TRP A 146 1.28 -8.96 17.63
N PRO A 147 2.42 -9.61 17.88
CA PRO A 147 3.72 -9.09 18.30
C PRO A 147 4.76 -8.98 17.18
N ILE A 148 4.35 -9.24 15.93
CA ILE A 148 5.36 -9.35 14.87
C ILE A 148 5.88 -7.98 14.43
N TYR A 149 5.07 -6.93 14.44
CA TYR A 149 5.50 -5.58 14.04
C TYR A 149 5.05 -4.64 15.15
N PRO A 150 5.73 -4.69 16.31
CA PRO A 150 5.24 -3.99 17.49
C PRO A 150 5.19 -2.48 17.34
N THR A 151 6.05 -1.91 16.50
CA THR A 151 6.07 -0.48 16.30
C THR A 151 5.55 -0.11 14.92
N GLY A 152 4.89 -1.02 14.22
CA GLY A 152 4.32 -0.73 12.93
C GLY A 152 5.17 -1.26 11.79
N LEU A 153 4.50 -1.81 10.78
CA LEU A 153 5.13 -2.28 9.59
C LEU A 153 5.87 -1.14 8.90
N GLY A 154 7.13 -1.35 8.63
CA GLY A 154 7.91 -0.31 8.02
C GLY A 154 9.21 -0.81 7.42
N ARG A 155 10.14 0.12 7.26
CA ARG A 155 11.48 -0.14 6.76
C ARG A 155 11.46 -1.18 5.64
N TRP A 156 10.91 -0.75 4.51
CA TRP A 156 10.88 -1.59 3.31
C TRP A 156 12.28 -2.02 2.91
N ASP A 157 13.28 -1.13 3.09
CA ASP A 157 14.66 -1.48 2.77
C ASP A 157 15.10 -2.73 3.53
N LEU A 158 14.77 -2.80 4.81
CA LEU A 158 15.21 -3.95 5.61
C LEU A 158 14.33 -5.18 5.33
N PHE A 159 13.04 -4.96 5.16
CA PHE A 159 12.12 -6.06 4.90
C PHE A 159 12.41 -6.75 3.59
N ARG A 160 12.81 -5.96 2.56
CA ARG A 160 13.23 -6.52 1.28
C ARG A 160 14.30 -7.57 1.49
N GLU A 161 15.34 -7.20 2.25
CA GLU A 161 16.47 -8.10 2.55
C GLU A 161 16.01 -9.37 3.25
N ASP A 162 15.12 -9.24 4.24
CA ASP A 162 14.67 -10.40 5.00
C ASP A 162 13.86 -11.33 4.09
N LEU A 163 13.06 -10.76 3.20
CA LEU A 163 12.25 -11.60 2.33
C LEU A 163 13.12 -12.34 1.32
N VAL A 164 14.13 -11.68 0.75
CA VAL A 164 15.06 -12.31 -0.17
C VAL A 164 15.81 -13.47 0.49
N ARG A 165 16.22 -13.31 1.76
CA ARG A 165 16.87 -14.41 2.48
C ARG A 165 15.88 -15.57 2.70
N SER A 166 14.65 -15.25 3.04
CA SER A 166 13.63 -16.28 3.24
C SER A 166 13.29 -17.01 1.94
N ALA A 167 13.14 -16.28 0.82
CA ALA A 167 12.92 -16.90 -0.49
C ALA A 167 14.03 -17.89 -0.84
N ALA A 168 15.28 -17.56 -0.51
CA ALA A 168 16.40 -18.45 -0.80
C ALA A 168 16.28 -19.74 -0.01
N GLN A 169 15.70 -19.69 1.18
CA GLN A 169 15.45 -20.89 1.95
C GLN A 169 14.29 -21.71 1.37
N TRP A 170 13.42 -21.10 0.57
CA TRP A 170 12.26 -21.80 0.02
C TRP A 170 12.22 -21.69 -1.50
N PRO A 171 13.17 -22.31 -2.20
CA PRO A 171 13.03 -22.42 -3.65
C PRO A 171 11.69 -23.03 -4.04
N TRP A 172 11.22 -22.62 -5.22
CA TRP A 172 9.91 -23.00 -5.74
C TRP A 172 9.55 -24.46 -5.51
N LYS A 173 10.44 -25.38 -5.89
CA LYS A 173 10.09 -26.80 -5.81
C LYS A 173 9.86 -27.30 -4.39
N LYS A 174 10.42 -26.61 -3.38
CA LYS A 174 10.21 -26.97 -1.98
C LYS A 174 9.00 -26.28 -1.38
N LYS A 175 8.39 -25.36 -2.11
CA LYS A 175 7.26 -24.65 -1.54
C LYS A 175 6.03 -25.54 -1.47
N ASN A 176 5.20 -25.24 -0.49
CA ASN A 176 3.97 -25.98 -0.24
C ASN A 176 2.88 -25.51 -1.20
N SER A 177 2.11 -26.46 -1.73
CA SER A 177 1.13 -26.23 -2.78
CA SER A 177 1.16 -26.16 -2.79
C SER A 177 -0.24 -25.80 -2.28
N THR A 178 -0.45 -25.73 -0.97
CA THR A 178 -1.68 -25.19 -0.41
C THR A 178 -1.59 -23.67 -0.42
N ALA A 179 -2.57 -23.01 -1.04
CA ALA A 179 -2.55 -21.55 -1.10
C ALA A 179 -2.68 -20.96 0.31
N TYR A 180 -2.17 -19.76 0.50
CA TYR A 180 -2.02 -19.26 1.87
C TYR A 180 -2.42 -17.80 1.99
N PHE A 181 -3.10 -17.50 3.09
CA PHE A 181 -3.46 -16.14 3.42
C PHE A 181 -3.62 -15.99 4.93
N ARG A 182 -3.06 -14.91 5.47
CA ARG A 182 -3.27 -14.56 6.87
C ARG A 182 -3.53 -13.06 6.96
N GLY A 183 -4.72 -12.68 7.37
CA GLY A 183 -5.03 -11.27 7.47
C GLY A 183 -6.34 -11.08 8.19
N SER A 184 -6.68 -9.82 8.44
CA SER A 184 -7.88 -9.51 9.19
C SER A 184 -9.00 -9.12 8.23
N ARG A 185 -10.19 -9.00 8.79
CA ARG A 185 -11.40 -8.78 7.98
C ARG A 185 -11.63 -7.29 7.73
N THR A 186 -10.67 -6.70 7.01
CA THR A 186 -10.70 -5.30 6.62
C THR A 186 -11.57 -5.04 5.40
N SER A 187 -11.96 -6.09 4.67
CA SER A 187 -12.93 -6.04 3.60
C SER A 187 -13.68 -7.36 3.58
N PRO A 188 -15.01 -7.34 3.41
CA PRO A 188 -15.75 -8.60 3.25
C PRO A 188 -15.45 -9.33 1.97
N GLU A 189 -14.75 -8.70 1.03
CA GLU A 189 -14.32 -9.43 -0.15
C GLU A 189 -13.39 -10.58 0.18
N ARG A 190 -12.79 -10.59 1.39
CA ARG A 190 -11.94 -11.70 1.80
C ARG A 190 -12.73 -12.92 2.23
N ASP A 191 -13.99 -12.75 2.59
CA ASP A 191 -14.74 -13.82 3.21
C ASP A 191 -14.79 -15.09 2.36
N PRO A 192 -15.05 -15.04 1.05
CA PRO A 192 -15.20 -16.29 0.31
C PRO A 192 -13.95 -17.15 0.35
N LEU A 193 -12.77 -16.55 0.50
CA LEU A 193 -11.55 -17.33 0.57
C LEU A 193 -11.45 -18.04 1.91
N ILE A 194 -11.76 -17.32 2.99
CA ILE A 194 -11.76 -17.95 4.30
C ILE A 194 -12.77 -19.11 4.34
N LEU A 195 -13.94 -18.91 3.73
CA LEU A 195 -14.94 -19.97 3.76
C LEU A 195 -14.52 -21.14 2.88
N LEU A 196 -13.88 -20.83 1.73
CA LEU A 196 -13.34 -21.90 0.90
C LEU A 196 -12.28 -22.67 1.65
N SER A 197 -11.44 -21.95 2.41
CA SER A 197 -10.42 -22.61 3.21
C SER A 197 -11.04 -23.56 4.24
N ARG A 198 -12.09 -23.12 4.92
CA ARG A 198 -12.75 -23.97 5.92
C ARG A 198 -13.38 -25.19 5.25
N LYS A 199 -13.88 -25.04 4.03
CA LYS A 199 -14.44 -26.20 3.34
C LYS A 199 -13.39 -27.14 2.78
N ASN A 200 -12.21 -26.63 2.43
CA ASN A 200 -11.22 -27.41 1.69
C ASN A 200 -9.83 -26.98 2.15
N PRO A 201 -9.43 -27.38 3.35
CA PRO A 201 -8.19 -26.84 3.90
C PRO A 201 -6.93 -27.28 3.15
N LYS A 202 -6.98 -28.40 2.42
CA LYS A 202 -5.83 -28.80 1.63
C LYS A 202 -5.65 -27.90 0.41
N LEU A 203 -6.72 -27.31 -0.08
CA LEU A 203 -6.64 -26.44 -1.24
C LEU A 203 -6.12 -25.06 -0.84
N VAL A 204 -6.69 -24.51 0.25
CA VAL A 204 -6.37 -23.16 0.71
C VAL A 204 -6.26 -23.16 2.22
N ASP A 205 -5.23 -22.52 2.74
CA ASP A 205 -5.07 -22.29 4.19
C ASP A 205 -5.22 -20.77 4.40
N ALA A 206 -6.46 -20.33 4.63
CA ALA A 206 -6.76 -18.91 4.74
C ALA A 206 -7.56 -18.66 6.00
N GLU A 207 -7.03 -17.82 6.87
CA GLU A 207 -7.62 -17.62 8.17
C GLU A 207 -7.56 -16.17 8.57
N TYR A 208 -8.61 -15.73 9.28
CA TYR A 208 -8.68 -14.35 9.77
C TYR A 208 -7.93 -14.20 11.09
N THR A 209 -6.98 -13.28 11.09
CA THR A 209 -6.35 -12.73 12.27
C THR A 209 -7.23 -11.59 12.78
N LYS A 210 -6.87 -11.04 13.95
CA LYS A 210 -7.64 -9.91 14.41
C LYS A 210 -6.82 -8.64 14.28
N ASN A 211 -7.55 -7.54 14.07
CA ASN A 211 -6.96 -6.21 14.05
C ASN A 211 -7.48 -5.48 15.30
N GLN A 212 -7.02 -4.24 15.44
CA GLN A 212 -7.28 -3.52 16.66
C GLN A 212 -8.71 -3.06 16.80
N ALA A 213 -9.55 -3.25 15.79
CA ALA A 213 -10.95 -2.91 15.90
C ALA A 213 -11.81 -4.13 16.26
N TRP A 214 -11.21 -5.31 16.44
CA TRP A 214 -11.97 -6.50 16.78
C TRP A 214 -12.84 -6.23 18.00
N LYS A 215 -14.11 -6.62 17.89
CA LYS A 215 -15.09 -6.44 18.95
C LYS A 215 -15.76 -7.78 19.30
N SER A 216 -15.85 -8.70 18.33
CA SER A 216 -16.52 -9.97 18.57
C SER A 216 -16.14 -10.94 17.46
N MET A 217 -16.65 -12.16 17.62
CA MET A 217 -16.38 -13.23 16.66
C MET A 217 -16.92 -12.92 15.29
N LYS A 218 -17.86 -11.97 15.17
CA LYS A 218 -18.27 -11.51 13.84
C LYS A 218 -17.05 -11.02 13.03
N ASP A 219 -16.06 -10.44 13.67
CA ASP A 219 -14.91 -9.88 12.97
C ASP A 219 -13.95 -10.95 12.48
N THR A 220 -14.15 -12.21 12.87
CA THR A 220 -13.40 -13.34 12.33
C THR A 220 -14.33 -14.42 11.76
N LEU A 221 -15.54 -14.03 11.34
CA LEU A 221 -16.53 -14.97 10.78
C LEU A 221 -16.80 -16.15 11.69
N GLY A 222 -16.96 -15.85 12.98
CA GLY A 222 -17.49 -16.81 13.92
C GLY A 222 -16.50 -17.83 14.45
N LYS A 223 -15.21 -17.67 14.17
CA LYS A 223 -14.17 -18.55 14.66
C LYS A 223 -13.16 -17.79 15.50
N PRO A 224 -12.45 -18.48 16.38
CA PRO A 224 -11.33 -17.84 17.09
C PRO A 224 -10.35 -17.24 16.09
N ALA A 225 -9.80 -16.07 16.44
CA ALA A 225 -8.81 -15.44 15.59
C ALA A 225 -7.58 -16.31 15.42
N ALA A 226 -7.03 -16.31 14.22
CA ALA A 226 -5.75 -16.97 13.98
C ALA A 226 -4.63 -16.09 14.51
N LYS A 227 -3.56 -16.75 14.93
CA LYS A 227 -2.33 -16.09 15.31
C LYS A 227 -1.73 -15.41 14.09
N ASP A 228 -1.12 -14.25 14.33
CA ASP A 228 -0.47 -13.55 13.25
C ASP A 228 0.84 -14.23 12.84
N VAL A 229 1.13 -14.13 11.54
CA VAL A 229 2.24 -14.84 10.92
C VAL A 229 3.08 -13.82 10.17
N HIS A 230 4.37 -13.79 10.49
CA HIS A 230 5.30 -12.89 9.84
C HIS A 230 5.29 -13.10 8.32
N LEU A 231 5.43 -11.99 7.58
CA LEU A 231 5.52 -12.10 6.13
C LEU A 231 6.68 -13.00 5.68
N VAL A 232 7.79 -13.04 6.42
CA VAL A 232 8.88 -13.92 6.01
C VAL A 232 8.46 -15.38 6.10
N ASP A 233 7.49 -15.69 6.93
CA ASP A 233 7.00 -17.07 7.05
C ASP A 233 5.94 -17.39 6.02
N HIS A 234 5.63 -16.44 5.12
CA HIS A 234 4.77 -16.76 3.98
C HIS A 234 5.52 -17.45 2.85
N CYS A 235 6.85 -17.39 2.83
CA CYS A 235 7.56 -17.75 1.62
C CYS A 235 7.59 -19.26 1.38
N LYS A 236 7.25 -20.07 2.37
CA LYS A 236 7.21 -21.52 2.22
C LYS A 236 6.01 -21.97 1.39
N TYR A 237 5.07 -21.08 1.09
CA TYR A 237 3.87 -21.39 0.29
C TYR A 237 4.00 -20.88 -1.16
N LYS A 238 3.63 -21.73 -2.12
CA LYS A 238 3.76 -21.40 -3.56
C LYS A 238 2.81 -20.31 -3.99
N TYR A 239 1.61 -20.28 -3.40
CA TYR A 239 0.51 -19.45 -3.89
C TYR A 239 0.04 -18.55 -2.75
N LEU A 240 0.26 -17.26 -2.92
CA LEU A 240 -0.04 -16.28 -1.89
C LEU A 240 -1.12 -15.34 -2.38
N PHE A 241 -2.20 -15.24 -1.62
CA PHE A 241 -3.28 -14.36 -1.97
C PHE A 241 -3.09 -12.94 -1.44
N ASN A 242 -3.58 -11.99 -2.24
CA ASN A 242 -3.60 -10.57 -1.91
C ASN A 242 -4.98 -10.04 -2.23
N PHE A 243 -5.54 -9.27 -1.30
CA PHE A 243 -6.85 -8.64 -1.40
C PHE A 243 -6.75 -7.17 -1.04
N ARG A 244 -7.69 -6.38 -1.57
CA ARG A 244 -7.95 -5.08 -0.99
C ARG A 244 -8.33 -5.22 0.48
N GLY A 245 -8.10 -4.15 1.22
CA GLY A 245 -8.64 -3.96 2.56
C GLY A 245 -9.52 -2.76 2.62
N VAL A 246 -9.23 -1.80 3.51
CA VAL A 246 -9.93 -0.52 3.44
C VAL A 246 -9.71 0.12 2.08
N ALA A 247 -8.46 0.17 1.66
CA ALA A 247 -8.05 0.57 0.32
C ALA A 247 -7.11 -0.54 -0.17
N ALA A 248 -6.05 -0.21 -0.89
CA ALA A 248 -5.07 -1.22 -1.23
C ALA A 248 -4.33 -1.68 0.02
N SER A 249 -3.73 -2.87 -0.04
CA SER A 249 -3.00 -3.42 1.09
C SER A 249 -1.50 -3.40 0.89
N PHE A 250 -0.79 -3.07 1.98
CA PHE A 250 0.67 -3.15 2.04
C PHE A 250 1.21 -4.55 1.93
N ARG A 251 0.37 -5.58 2.13
CA ARG A 251 0.80 -6.96 1.96
C ARG A 251 1.40 -7.18 0.57
N PHE A 252 0.77 -6.62 -0.46
CA PHE A 252 0.98 -6.99 -1.87
C PHE A 252 2.47 -7.05 -2.24
N LYS A 253 3.18 -5.93 -2.06
CA LYS A 253 4.57 -5.83 -2.51
C LYS A 253 5.45 -6.88 -1.87
N HIS A 254 5.14 -7.26 -0.62
CA HIS A 254 5.97 -8.20 0.12
C HIS A 254 5.89 -9.60 -0.45
N LEU A 255 4.69 -9.98 -0.91
CA LEU A 255 4.50 -11.36 -1.35
C LEU A 255 5.39 -11.72 -2.54
N PHE A 256 5.60 -10.78 -3.47
CA PHE A 256 6.44 -11.06 -4.62
C PHE A 256 7.84 -11.48 -4.19
N LEU A 257 8.38 -10.86 -3.14
CA LEU A 257 9.77 -11.11 -2.79
C LEU A 257 9.96 -12.48 -2.16
N CYS A 258 8.87 -13.15 -1.80
CA CYS A 258 8.95 -14.55 -1.40
C CYS A 258 9.34 -15.48 -2.53
N GLY A 259 9.29 -15.00 -3.77
CA GLY A 259 9.41 -15.88 -4.90
C GLY A 259 8.21 -16.73 -5.17
N SER A 260 7.12 -16.47 -4.49
CA SER A 260 5.87 -17.18 -4.64
C SER A 260 5.00 -16.51 -5.70
N LEU A 261 4.01 -17.27 -6.17
CA LEU A 261 3.10 -16.78 -7.18
C LEU A 261 1.97 -16.02 -6.49
N VAL A 262 1.83 -14.75 -6.82
CA VAL A 262 0.83 -13.91 -6.19
C VAL A 262 -0.49 -14.07 -6.92
N PHE A 263 -1.57 -14.27 -6.15
CA PHE A 263 -2.96 -14.33 -6.61
C PHE A 263 -3.56 -13.04 -6.12
N HIS A 264 -3.77 -12.10 -7.07
CA HIS A 264 -4.18 -10.74 -6.75
C HIS A 264 -5.66 -10.63 -7.05
N VAL A 265 -6.46 -10.42 -6.01
CA VAL A 265 -7.90 -10.45 -6.14
C VAL A 265 -8.39 -9.04 -6.43
N GLY A 266 -9.08 -8.88 -7.55
CA GLY A 266 -9.63 -7.59 -7.90
C GLY A 266 -8.64 -6.71 -8.62
N ASP A 267 -9.19 -5.64 -9.21
CA ASP A 267 -8.32 -4.75 -9.99
C ASP A 267 -8.74 -3.29 -9.82
N GLU A 268 -9.37 -2.95 -8.70
CA GLU A 268 -9.81 -1.56 -8.51
C GLU A 268 -8.86 -0.74 -7.67
N TRP A 269 -8.46 -1.26 -6.50
CA TRP A 269 -7.68 -0.48 -5.54
C TRP A 269 -6.18 -0.57 -5.84
N LEU A 270 -5.57 0.59 -6.01
CA LEU A 270 -4.20 0.75 -6.49
C LEU A 270 -3.33 1.46 -5.46
N GLU A 271 -2.02 1.19 -5.57
CA GLU A 271 -0.95 2.09 -5.13
C GLU A 271 -0.17 2.54 -6.36
N PHE A 272 0.77 3.50 -6.17
CA PHE A 272 1.39 4.15 -7.33
C PHE A 272 2.11 3.17 -8.24
N PHE A 273 2.66 2.07 -7.71
CA PHE A 273 3.44 1.15 -8.54
C PHE A 273 2.58 0.08 -9.19
N TYR A 274 1.29 -0.03 -8.85
CA TYR A 274 0.48 -1.16 -9.30
C TYR A 274 0.29 -1.14 -10.82
N PRO A 275 0.14 0.02 -11.47
CA PRO A 275 -0.09 0.01 -12.91
C PRO A 275 1.04 -0.62 -13.68
N GLN A 276 2.25 -0.68 -13.10
CA GLN A 276 3.34 -1.34 -13.78
C GLN A 276 3.42 -2.85 -13.51
N LEU A 277 2.63 -3.36 -12.58
CA LEU A 277 2.54 -4.80 -12.38
C LEU A 277 1.38 -5.29 -13.24
N LYS A 278 1.64 -6.28 -14.09
CA LYS A 278 0.66 -6.63 -15.12
C LYS A 278 0.11 -8.04 -14.89
N PRO A 279 -1.19 -8.23 -15.01
CA PRO A 279 -1.74 -9.58 -14.85
C PRO A 279 -1.17 -10.54 -15.87
N TRP A 280 -0.92 -11.76 -15.41
CA TRP A 280 -0.38 -12.85 -16.18
C TRP A 280 1.09 -12.67 -16.49
N VAL A 281 1.58 -11.45 -16.41
CA VAL A 281 3.01 -11.23 -16.53
C VAL A 281 3.67 -11.41 -15.18
N HIS A 282 3.10 -10.76 -14.16
CA HIS A 282 3.70 -10.71 -12.85
C HIS A 282 2.90 -11.43 -11.78
N TYR A 283 1.62 -11.76 -12.03
CA TYR A 283 0.79 -12.35 -11.00
C TYR A 283 -0.41 -12.97 -11.69
N ILE A 284 -1.18 -13.73 -10.93
CA ILE A 284 -2.43 -14.34 -11.39
C ILE A 284 -3.55 -13.40 -10.96
N PRO A 285 -4.31 -12.85 -11.90
CA PRO A 285 -5.49 -12.06 -11.52
C PRO A 285 -6.64 -12.99 -11.14
N VAL A 286 -7.33 -12.64 -10.07
CA VAL A 286 -8.48 -13.42 -9.60
C VAL A 286 -9.68 -12.48 -9.62
N LYS A 287 -10.81 -13.00 -10.10
CA LYS A 287 -12.04 -12.21 -10.11
C LYS A 287 -12.38 -11.75 -8.70
N THR A 288 -12.93 -10.55 -8.61
CA THR A 288 -13.21 -9.94 -7.32
C THR A 288 -14.06 -10.83 -6.44
N ASP A 289 -15.03 -11.53 -7.02
CA ASP A 289 -15.93 -12.40 -6.28
C ASP A 289 -15.37 -13.81 -6.06
N LEU A 290 -14.13 -14.06 -6.47
CA LEU A 290 -13.46 -15.35 -6.33
C LEU A 290 -14.10 -16.50 -7.08
N SER A 291 -14.97 -16.21 -8.04
CA SER A 291 -15.71 -17.27 -8.71
C SER A 291 -14.81 -18.16 -9.56
N ASN A 292 -13.63 -17.68 -9.96
CA ASN A 292 -12.73 -18.52 -10.75
C ASN A 292 -11.51 -19.01 -9.96
N VAL A 293 -11.52 -18.94 -8.63
CA VAL A 293 -10.29 -19.24 -7.89
C VAL A 293 -9.93 -20.74 -7.94
N GLN A 294 -10.93 -21.63 -7.92
CA GLN A 294 -10.61 -23.06 -7.97
C GLN A 294 -10.06 -23.47 -9.32
N GLU A 295 -10.61 -22.94 -10.42
CA GLU A 295 -10.05 -23.21 -11.75
C GLU A 295 -8.63 -22.67 -11.85
N LEU A 296 -8.37 -21.48 -11.27
CA LEU A 296 -7.01 -20.89 -11.35
C LEU A 296 -6.01 -21.72 -10.56
N LEU A 297 -6.41 -22.23 -9.41
CA LEU A 297 -5.49 -23.06 -8.64
C LEU A 297 -5.20 -24.37 -9.37
N GLN A 298 -6.22 -24.98 -9.98
CA GLN A 298 -5.96 -26.18 -10.78
C GLN A 298 -5.05 -25.86 -11.95
N PHE A 299 -5.30 -24.72 -12.60
CA PHE A 299 -4.47 -24.35 -13.74
C PHE A 299 -3.00 -24.24 -13.35
N VAL A 300 -2.70 -23.52 -12.27
CA VAL A 300 -1.28 -23.30 -11.97
C VAL A 300 -0.63 -24.61 -11.59
N LYS A 301 -1.37 -25.49 -10.91
CA LYS A 301 -0.82 -26.80 -10.55
C LYS A 301 -0.57 -27.66 -11.78
N ALA A 302 -1.38 -27.51 -12.82
CA ALA A 302 -1.17 -28.28 -14.03
C ALA A 302 -0.19 -27.63 -14.99
N ASN A 303 0.28 -26.41 -14.69
CA ASN A 303 1.17 -25.69 -15.57
C ASN A 303 2.24 -25.03 -14.70
N ASP A 304 2.92 -25.87 -13.92
CA ASP A 304 3.83 -25.37 -12.89
C ASP A 304 5.02 -24.64 -13.48
N ASP A 305 5.46 -25.03 -14.69
CA ASP A 305 6.57 -24.32 -15.31
C ASP A 305 6.17 -22.88 -15.61
N VAL A 306 4.99 -22.67 -16.20
CA VAL A 306 4.46 -21.32 -16.44
C VAL A 306 4.25 -20.57 -15.12
N ALA A 307 3.68 -21.27 -14.12
CA ALA A 307 3.44 -20.62 -12.84
C ALA A 307 4.75 -20.08 -12.27
N GLN A 308 5.82 -20.86 -12.39
CA GLN A 308 7.11 -20.44 -11.88
C GLN A 308 7.62 -19.23 -12.67
N GLU A 309 7.44 -19.23 -13.98
CA GLU A 309 7.90 -18.11 -14.79
C GLU A 309 7.22 -16.82 -14.36
N ILE A 310 5.92 -16.88 -14.12
CA ILE A 310 5.19 -15.70 -13.66
C ILE A 310 5.72 -15.22 -12.32
N ALA A 311 5.90 -16.15 -11.37
CA ALA A 311 6.37 -15.76 -10.04
C ALA A 311 7.75 -15.11 -10.09
N GLU A 312 8.66 -15.67 -10.90
CA GLU A 312 10.00 -15.11 -11.03
C GLU A 312 9.94 -13.72 -11.64
N ARG A 313 9.07 -13.50 -12.63
CA ARG A 313 8.98 -12.15 -13.21
C ARG A 313 8.47 -11.14 -12.18
N GLY A 314 7.46 -11.50 -11.40
CA GLY A 314 6.97 -10.58 -10.40
C GLY A 314 8.02 -10.27 -9.34
N SER A 315 8.75 -11.30 -8.90
CA SER A 315 9.79 -11.11 -7.91
C SER A 315 10.87 -10.17 -8.47
N GLN A 316 11.27 -10.39 -9.72
CA GLN A 316 12.31 -9.58 -10.33
C GLN A 316 11.85 -8.14 -10.47
N PHE A 317 10.57 -7.94 -10.84
CA PHE A 317 10.10 -6.58 -10.98
C PHE A 317 10.18 -5.83 -9.64
N ILE A 318 9.71 -6.45 -8.56
CA ILE A 318 9.78 -5.77 -7.27
C ILE A 318 11.24 -5.61 -6.85
N ARG A 319 12.05 -6.64 -7.07
CA ARG A 319 13.46 -6.55 -6.71
C ARG A 319 14.14 -5.39 -7.43
N ASN A 320 13.85 -5.21 -8.72
CA ASN A 320 14.61 -4.24 -9.51
C ASN A 320 13.95 -2.89 -9.60
N HIS A 321 12.65 -2.79 -9.43
CA HIS A 321 11.97 -1.52 -9.71
C HIS A 321 11.19 -0.98 -8.54
N LEU A 322 11.21 -1.65 -7.40
CA LEU A 322 10.65 -1.06 -6.19
C LEU A 322 11.64 -1.10 -5.06
N GLN A 323 12.84 -0.60 -5.34
CA GLN A 323 13.88 -0.39 -4.35
C GLN A 323 13.57 0.89 -3.58
N MET A 324 14.23 1.07 -2.43
CA MET A 324 14.06 2.31 -1.67
C MET A 324 14.37 3.54 -2.52
N ASP A 325 15.38 3.46 -3.40
CA ASP A 325 15.71 4.60 -4.25
C ASP A 325 14.59 4.94 -5.21
N ASP A 326 13.79 3.94 -5.63
CA ASP A 326 12.64 4.21 -6.49
C ASP A 326 11.56 4.97 -5.74
N ILE A 327 11.40 4.70 -4.44
CA ILE A 327 10.42 5.41 -3.64
C ILE A 327 10.80 6.89 -3.54
N THR A 328 12.06 7.14 -3.20
CA THR A 328 12.54 8.51 -3.08
CA THR A 328 12.53 8.52 -3.08
C THR A 328 12.49 9.23 -4.42
N CYS A 329 12.92 8.56 -5.48
CA CYS A 329 12.86 9.13 -6.83
C CYS A 329 11.43 9.52 -7.21
N TYR A 330 10.46 8.65 -6.92
CA TYR A 330 9.07 8.95 -7.32
C TYR A 330 8.57 10.17 -6.57
N TRP A 331 8.82 10.23 -5.24
CA TRP A 331 8.49 11.41 -4.46
C TRP A 331 9.05 12.67 -5.10
N GLU A 332 10.33 12.65 -5.49
CA GLU A 332 10.94 13.86 -6.03
C GLU A 332 10.30 14.25 -7.34
N ASN A 333 10.12 13.27 -8.23
CA ASN A 333 9.57 13.55 -9.56
C ASN A 333 8.11 13.95 -9.47
N LEU A 334 7.35 13.33 -8.57
CA LEU A 334 5.95 13.69 -8.38
C LEU A 334 5.81 15.13 -7.92
N LEU A 335 6.51 15.50 -6.84
CA LEU A 335 6.33 16.83 -6.31
C LEU A 335 6.88 17.89 -7.26
N SER A 336 7.99 17.58 -7.96
CA SER A 336 8.53 18.54 -8.94
C SER A 336 7.54 18.80 -10.04
N GLU A 337 6.95 17.73 -10.56
CA GLU A 337 6.00 17.92 -11.64
C GLU A 337 4.75 18.63 -11.15
N TYR A 338 4.23 18.23 -9.98
CA TYR A 338 3.07 18.88 -9.40
C TYR A 338 3.27 20.39 -9.22
N SER A 339 4.46 20.80 -8.77
CA SER A 339 4.70 22.21 -8.44
C SER A 339 4.53 23.12 -9.65
N LYS A 340 4.76 22.60 -10.84
CA LYS A 340 4.58 23.36 -12.04
C LYS A 340 3.14 23.81 -12.23
N PHE A 341 2.17 23.13 -11.61
CA PHE A 341 0.79 23.48 -11.86
C PHE A 341 0.24 24.48 -10.87
N LEU A 342 0.97 24.83 -9.83
CA LEU A 342 0.56 25.93 -8.97
C LEU A 342 0.71 27.24 -9.72
N SER A 343 -0.41 27.96 -9.82
CA SER A 343 -0.53 29.14 -10.66
C SER A 343 -0.26 30.41 -9.87
N TYR A 344 0.32 30.27 -8.67
CA TYR A 344 0.56 31.39 -7.78
C TYR A 344 1.81 31.09 -6.95
N ASN A 345 2.26 32.12 -6.24
CA ASN A 345 3.45 32.03 -5.40
C ASN A 345 3.04 31.76 -3.97
N VAL A 346 3.60 30.72 -3.40
CA VAL A 346 3.22 30.24 -2.09
C VAL A 346 3.78 31.16 -1.02
N THR A 347 2.97 31.45 -0.01
CA THR A 347 3.44 32.19 1.15
C THR A 347 3.24 31.30 2.37
N ARG A 348 4.30 31.21 3.16
CA ARG A 348 4.28 30.41 4.37
C ARG A 348 3.17 30.87 5.30
N ARG A 349 2.44 29.91 5.86
CA ARG A 349 1.35 30.24 6.75
C ARG A 349 1.85 30.57 8.16
N LYS A 350 1.21 31.57 8.76
CA LYS A 350 1.45 31.93 10.16
C LYS A 350 1.21 30.70 11.03
N GLY A 351 2.19 30.34 11.83
CA GLY A 351 2.03 29.26 12.78
C GLY A 351 2.47 27.88 12.34
N TYR A 352 2.81 27.68 11.07
CA TYR A 352 3.27 26.36 10.62
C TYR A 352 4.74 26.21 11.05
N ASP A 353 5.01 25.20 11.87
CA ASP A 353 6.38 24.94 12.30
C ASP A 353 7.18 24.30 11.17
N GLN A 354 8.49 24.49 11.22
CA GLN A 354 9.36 23.81 10.27
C GLN A 354 9.55 22.37 10.67
N ILE A 355 9.50 21.50 9.69
CA ILE A 355 9.84 20.10 9.87
C ILE A 355 11.33 19.87 9.64
N ILE A 356 12.00 19.41 10.68
CA ILE A 356 13.43 19.12 10.69
C ILE A 356 13.49 17.61 10.89
N PRO A 357 14.58 16.96 10.52
CA PRO A 357 15.86 17.46 10.04
C PRO A 357 16.13 17.20 8.57
N ASP B 3 -18.59 7.70 10.17
CA ASP B 3 -17.35 7.68 10.95
C ASP B 3 -16.48 6.50 10.53
N VAL B 4 -15.22 6.79 10.20
CA VAL B 4 -14.26 5.73 9.88
C VAL B 4 -13.79 5.12 11.20
N ASN B 5 -13.81 3.79 11.31
CA ASN B 5 -13.13 3.22 12.46
C ASN B 5 -11.62 3.13 12.17
N GLU B 6 -10.83 4.06 12.71
CA GLU B 6 -9.39 4.07 12.47
C GLU B 6 -8.69 2.88 13.09
N CYS B 7 -9.35 2.22 14.06
CA CYS B 7 -8.66 1.11 14.69
C CYS B 7 -8.45 -0.07 13.75
N VAL B 8 -9.13 -0.10 12.60
CA VAL B 8 -9.03 -1.25 11.68
C VAL B 8 -7.61 -1.38 11.13
N THR B 9 -6.86 -0.26 11.06
CA THR B 9 -5.53 -0.23 10.46
C THR B 9 -4.43 -0.27 11.50
N ASN B 10 -4.77 -0.59 12.72
CA ASN B 10 -3.82 -0.90 13.80
C ASN B 10 -2.88 0.28 14.01
N PRO B 11 -3.40 1.44 14.37
CA PRO B 11 -2.53 2.58 14.64
C PRO B 11 -1.80 2.50 15.98
N CYS B 12 -2.15 1.60 16.89
CA CYS B 12 -1.57 1.63 18.24
C CYS B 12 -0.40 0.67 18.35
N GLN B 13 0.74 1.18 18.75
CA GLN B 13 1.95 0.39 18.87
C GLN B 13 2.03 -0.28 20.22
N ASN B 14 2.92 -1.27 20.31
CA ASN B 14 3.38 -1.80 21.60
C ASN B 14 2.24 -2.39 22.40
N ASP B 15 1.30 -3.05 21.71
CA ASP B 15 0.21 -3.80 22.33
C ASP B 15 -0.74 -2.90 23.07
N ALA B 16 -0.78 -1.63 22.71
CA ALA B 16 -1.81 -0.73 23.20
C ALA B 16 -3.17 -1.15 22.67
N THR B 17 -4.20 -0.68 23.34
CA THR B 17 -5.60 -0.87 22.96
C THR B 17 -6.07 0.34 22.16
N CYS B 18 -6.79 0.10 21.06
CA CYS B 18 -7.32 1.16 20.23
C CYS B 18 -8.81 1.36 20.49
N LEU B 19 -9.19 2.61 20.72
CA LEU B 19 -10.56 3.00 20.96
C LEU B 19 -11.02 3.85 19.79
N ASP B 20 -12.12 3.47 19.15
CA ASP B 20 -12.61 4.25 18.01
C ASP B 20 -13.56 5.33 18.52
N GLN B 21 -13.21 6.61 18.30
CA GLN B 21 -14.10 7.69 18.70
C GLN B 21 -14.72 8.46 17.52
N ILE B 22 -15.55 9.43 17.86
CA ILE B 22 -16.29 10.27 16.90
C ILE B 22 -15.25 11.06 16.12
N GLY B 23 -14.98 10.62 14.90
CA GLY B 23 -13.99 11.12 13.95
C GLY B 23 -12.54 11.27 14.42
N GLU B 24 -12.17 10.43 15.39
CA GLU B 24 -10.85 10.35 16.00
C GLU B 24 -10.73 8.93 16.54
N PHE B 25 -9.53 8.62 17.00
CA PHE B 25 -9.26 7.37 17.68
C PHE B 25 -8.37 7.70 18.87
N GLN B 26 -8.33 6.79 19.83
CA GLN B 26 -7.40 6.94 20.93
C GLN B 26 -6.74 5.60 21.21
N CYS B 27 -5.44 5.66 21.47
CA CYS B 27 -4.63 4.51 21.89
C CYS B 27 -4.44 4.61 23.38
N ILE B 28 -4.82 3.54 24.08
CA ILE B 28 -4.63 3.40 25.51
C ILE B 28 -3.43 2.49 25.72
N CYS B 29 -2.36 3.09 26.21
CA CYS B 29 -1.06 2.45 26.23
C CYS B 29 -0.98 1.44 27.34
N MET B 30 -0.17 0.42 27.11
CA MET B 30 0.28 -0.36 28.24
C MET B 30 1.13 0.55 29.14
N PRO B 31 1.15 0.30 30.45
CA PRO B 31 2.03 1.08 31.32
C PRO B 31 3.47 1.05 30.82
N GLY B 32 4.12 2.22 30.84
CA GLY B 32 5.47 2.35 30.31
C GLY B 32 5.56 3.04 28.97
N TYR B 33 4.44 3.24 28.29
CA TYR B 33 4.39 3.83 26.97
C TYR B 33 3.47 5.05 26.98
N GLU B 34 3.79 5.99 26.12
CA GLU B 34 2.97 7.18 25.95
C GLU B 34 3.08 7.60 24.50
N GLY B 35 2.41 8.69 24.16
CA GLY B 35 2.31 9.20 22.81
C GLY B 35 1.00 8.82 22.15
N VAL B 36 0.69 9.53 21.05
CA VAL B 36 -0.54 9.27 20.31
C VAL B 36 -0.66 7.81 19.91
N HIS B 37 0.46 7.20 19.51
CA HIS B 37 0.49 5.81 19.07
C HIS B 37 1.09 4.89 20.12
N CYS B 38 1.29 5.39 21.34
CA CYS B 38 1.97 4.61 22.39
C CYS B 38 3.37 4.19 21.97
N GLU B 39 4.03 5.07 21.22
CA GLU B 39 5.34 4.83 20.66
C GLU B 39 6.51 5.25 21.56
N VAL B 40 6.26 6.05 22.59
CA VAL B 40 7.33 6.60 23.44
C VAL B 40 7.42 5.71 24.67
N ASN B 41 8.55 5.04 24.84
CA ASN B 41 8.73 4.09 25.92
CA ASN B 41 8.72 4.09 25.93
C ASN B 41 9.33 4.84 27.10
N THR B 42 8.50 5.17 28.09
CA THR B 42 8.94 5.86 29.30
C THR B 42 9.71 4.90 30.22
#